data_2D4Z
#
_entry.id   2D4Z
#
_cell.length_a   125.819
_cell.length_b   125.819
_cell.length_c   125.819
_cell.angle_alpha   90.00
_cell.angle_beta   90.00
_cell.angle_gamma   90.00
#
_symmetry.space_group_name_H-M   'P 21 3'
#
_entity_poly.entity_id   1
_entity_poly.type   'polypeptide(L)'
_entity_poly.pdbx_seq_one_letter_code
;PELSWSSANKYNIQVGDIMVRDVTSIASTSTYGDLLHVLRQTKLKFFPFVDTPDTNTLLGSIDRTEVEGLLQRRISAYRR
QPAAAAEADEEGRNGETGASFTGEAESSFAYIDQEDAEGQQREGLEAVKVQTEDPRPPSPVPAEEPTQTSGIYQKKQKGT
GQVASRFEEMLTLEEIYRWEQREKNVVVNFETCRIDQSPFQLVEGTSLQKTHTLFSLLGLDRAYVTSMGKLVGVVALAEI
QAAIEGSYQK
;
_entity_poly.pdbx_strand_id   A,B
#
# COMPACT_ATOMS: atom_id res chain seq x y z
N LEU A 3 -20.14 -18.35 44.62
CA LEU A 3 -20.11 -19.80 44.32
C LEU A 3 -19.69 -20.08 42.89
N SER A 4 -20.38 -21.03 42.25
CA SER A 4 -20.06 -21.39 40.87
C SER A 4 -21.14 -22.23 40.21
N TRP A 5 -20.74 -23.26 39.48
CA TRP A 5 -21.69 -24.12 38.81
C TRP A 5 -21.10 -24.87 37.63
N SER A 6 -21.72 -25.98 37.23
CA SER A 6 -21.22 -26.76 36.11
C SER A 6 -21.79 -28.16 35.96
N SER A 7 -21.02 -29.06 35.35
CA SER A 7 -21.46 -30.45 35.18
C SER A 7 -21.84 -30.87 33.76
N ALA A 8 -20.98 -30.60 32.79
CA ALA A 8 -21.29 -30.97 31.41
C ALA A 8 -20.27 -31.86 30.70
N ASN A 9 -20.34 -31.88 29.36
CA ASN A 9 -19.44 -32.69 28.57
C ASN A 9 -19.47 -32.36 27.08
N LYS A 10 -18.74 -33.12 26.27
CA LYS A 10 -18.71 -32.87 24.83
C LYS A 10 -18.96 -34.11 23.98
N TYR A 11 -19.20 -33.90 22.68
CA TYR A 11 -19.46 -35.02 21.79
C TYR A 11 -18.46 -35.24 20.67
N ASN A 12 -18.76 -34.71 19.48
CA ASN A 12 -17.88 -34.84 18.32
C ASN A 12 -17.27 -33.46 18.01
N ILE A 13 -16.39 -33.05 18.90
CA ILE A 13 -15.68 -31.78 18.92
C ILE A 13 -14.82 -31.40 17.71
N GLN A 14 -14.65 -30.10 17.47
CA GLN A 14 -13.84 -29.62 16.35
C GLN A 14 -13.13 -28.28 16.61
N VAL A 15 -11.99 -28.07 15.94
CA VAL A 15 -11.27 -26.82 16.09
C VAL A 15 -12.28 -25.75 15.73
N GLY A 16 -12.78 -25.04 16.73
CA GLY A 16 -13.79 -24.02 16.50
C GLY A 16 -14.61 -24.05 17.76
N ASP A 17 -14.71 -25.24 18.33
CA ASP A 17 -15.43 -25.44 19.56
C ASP A 17 -14.32 -25.47 20.61
N ILE A 18 -13.16 -24.96 20.21
CA ILE A 18 -12.01 -24.90 21.09
C ILE A 18 -11.20 -23.67 20.72
N MET A 19 -11.12 -23.40 19.42
CA MET A 19 -10.36 -22.28 18.91
C MET A 19 -10.84 -20.94 19.43
N VAL A 20 -9.89 -20.09 19.80
CA VAL A 20 -10.16 -18.75 20.29
C VAL A 20 -10.34 -17.91 19.03
N ARG A 21 -11.49 -17.25 18.91
CA ARG A 21 -11.74 -16.44 17.72
C ARG A 21 -11.23 -15.00 17.79
N ASP A 22 -10.71 -14.61 18.94
CA ASP A 22 -10.19 -13.25 19.10
C ASP A 22 -8.66 -13.35 19.12
N VAL A 23 -8.07 -13.39 17.93
CA VAL A 23 -6.63 -13.53 17.85
C VAL A 23 -5.87 -12.22 17.91
N THR A 24 -4.75 -12.23 18.64
CA THR A 24 -3.88 -11.05 18.71
C THR A 24 -2.94 -11.25 17.53
N SER A 25 -3.17 -10.54 16.44
CA SER A 25 -2.34 -10.71 15.27
C SER A 25 -1.56 -9.46 14.92
N ILE A 26 -0.59 -9.60 14.03
CA ILE A 26 0.18 -8.46 13.57
C ILE A 26 -0.07 -8.45 12.07
N ALA A 27 -0.40 -7.27 11.56
CA ALA A 27 -0.67 -7.09 10.14
C ALA A 27 0.37 -6.18 9.56
N SER A 28 0.60 -6.30 8.27
CA SER A 28 1.60 -5.49 7.58
C SER A 28 1.31 -3.99 7.62
N THR A 29 0.08 -3.64 8.00
CA THR A 29 -0.34 -2.25 8.08
C THR A 29 -0.30 -1.70 9.49
N SER A 30 0.11 -2.52 10.46
CA SER A 30 0.15 -2.04 11.83
C SER A 30 1.33 -1.14 12.10
N THR A 31 1.22 -0.32 13.13
CA THR A 31 2.25 0.64 13.51
C THR A 31 3.25 0.13 14.55
N TYR A 32 4.10 1.02 15.06
CA TYR A 32 5.06 0.62 16.08
C TYR A 32 4.40 0.56 17.42
N GLY A 33 3.26 1.24 17.53
CA GLY A 33 2.53 1.23 18.77
C GLY A 33 1.91 -0.16 18.89
N ASP A 34 1.42 -0.66 17.77
CA ASP A 34 0.81 -1.99 17.76
C ASP A 34 1.80 -3.03 18.24
N LEU A 35 3.06 -2.89 17.79
CA LEU A 35 4.11 -3.80 18.18
C LEU A 35 4.40 -3.68 19.67
N LEU A 36 4.55 -2.46 20.17
CA LEU A 36 4.80 -2.31 21.60
C LEU A 36 3.61 -2.83 22.41
N HIS A 37 2.41 -2.73 21.85
CA HIS A 37 1.22 -3.21 22.54
C HIS A 37 1.31 -4.72 22.64
N VAL A 38 1.45 -5.38 21.49
CA VAL A 38 1.54 -6.84 21.47
C VAL A 38 2.63 -7.35 22.39
N LEU A 39 3.72 -6.60 22.55
CA LEU A 39 4.79 -7.09 23.42
C LEU A 39 4.50 -6.88 24.90
N ARG A 40 3.97 -5.71 25.26
CA ARG A 40 3.67 -5.41 26.67
C ARG A 40 2.43 -6.07 27.24
N GLN A 41 1.41 -6.28 26.42
CA GLN A 41 0.17 -6.86 26.89
C GLN A 41 -0.04 -8.35 26.64
N THR A 42 0.95 -9.03 26.05
CA THR A 42 0.83 -10.48 25.82
C THR A 42 2.05 -11.20 26.34
N LYS A 43 2.00 -12.52 26.31
CA LYS A 43 3.11 -13.34 26.76
C LYS A 43 3.42 -14.35 25.68
N LEU A 44 2.81 -14.15 24.51
CA LEU A 44 2.95 -15.02 23.35
C LEU A 44 4.37 -14.98 22.73
N LYS A 45 4.84 -16.14 22.27
CA LYS A 45 6.15 -16.24 21.67
C LYS A 45 6.13 -15.94 20.17
N PHE A 46 4.95 -15.82 19.62
CA PHE A 46 4.82 -15.52 18.21
C PHE A 46 3.38 -15.17 17.89
N PHE A 47 3.20 -14.47 16.77
CA PHE A 47 1.89 -14.02 16.37
C PHE A 47 1.61 -14.35 14.91
N PRO A 48 0.33 -14.27 14.48
CA PRO A 48 0.02 -14.58 13.08
C PRO A 48 0.28 -13.32 12.27
N PHE A 49 1.08 -13.42 11.21
CA PHE A 49 1.33 -12.21 10.43
C PHE A 49 0.29 -12.13 9.34
N VAL A 50 -0.62 -11.17 9.47
CA VAL A 50 -1.71 -10.99 8.52
C VAL A 50 -1.47 -9.94 7.44
N ASP A 51 -2.35 -10.05 6.47
CA ASP A 51 -2.47 -9.23 5.28
C ASP A 51 -2.82 -7.82 5.74
N THR A 52 -4.08 -7.69 6.16
CA THR A 52 -4.70 -6.46 6.66
C THR A 52 -5.67 -6.91 7.76
N PRO A 53 -5.82 -6.12 8.84
CA PRO A 53 -6.76 -6.57 9.88
C PRO A 53 -8.16 -6.82 9.35
N ASP A 54 -8.44 -6.28 8.17
CA ASP A 54 -9.73 -6.41 7.52
C ASP A 54 -9.86 -7.68 6.67
N THR A 55 -8.90 -7.87 5.76
CA THR A 55 -8.90 -9.03 4.88
C THR A 55 -8.44 -10.29 5.60
N ASN A 56 -7.48 -10.12 6.49
CA ASN A 56 -6.95 -11.23 7.28
C ASN A 56 -6.33 -12.38 6.54
N THR A 57 -5.54 -12.08 5.51
CA THR A 57 -4.89 -13.17 4.80
C THR A 57 -3.70 -13.57 5.66
N LEU A 58 -3.61 -14.86 5.99
CA LEU A 58 -2.51 -15.31 6.81
C LEU A 58 -1.27 -15.49 5.94
N LEU A 59 -0.33 -14.56 6.09
CA LEU A 59 0.91 -14.57 5.31
C LEU A 59 2.03 -15.34 6.00
N GLY A 60 1.83 -15.66 7.27
CA GLY A 60 2.84 -16.39 8.03
C GLY A 60 2.74 -16.07 9.50
N SER A 61 3.86 -16.04 10.21
CA SER A 61 3.86 -15.73 11.64
C SER A 61 5.18 -15.11 12.06
N ILE A 62 5.11 -14.11 12.93
CA ILE A 62 6.31 -13.43 13.41
C ILE A 62 6.69 -13.83 14.82
N ASP A 63 7.97 -14.07 15.06
CA ASP A 63 8.47 -14.41 16.39
C ASP A 63 8.53 -13.17 17.25
N ARG A 64 8.41 -13.36 18.56
CA ARG A 64 8.46 -12.26 19.50
C ARG A 64 9.80 -11.57 19.45
N THR A 65 10.86 -12.36 19.29
CA THR A 65 12.22 -11.85 19.21
C THR A 65 12.36 -11.06 17.93
N GLU A 66 11.62 -11.47 16.92
CA GLU A 66 11.67 -10.82 15.63
C GLU A 66 11.03 -9.44 15.75
N VAL A 67 9.89 -9.38 16.43
CA VAL A 67 9.17 -8.13 16.68
C VAL A 67 10.03 -7.21 17.53
N GLU A 68 10.66 -7.75 18.56
CA GLU A 68 11.50 -6.94 19.45
C GLU A 68 12.63 -6.32 18.64
N GLY A 69 13.08 -7.05 17.63
CA GLY A 69 14.16 -6.56 16.79
C GLY A 69 13.74 -5.35 15.98
N LEU A 70 12.70 -5.50 15.17
CA LEU A 70 12.19 -4.41 14.35
C LEU A 70 12.07 -3.14 15.16
N LEU A 71 11.55 -3.28 16.37
CA LEU A 71 11.37 -2.16 17.28
C LEU A 71 12.71 -1.62 17.67
N GLN A 72 13.63 -2.51 17.99
CA GLN A 72 14.97 -2.10 18.40
C GLN A 72 15.66 -1.39 17.26
N ARG A 73 15.59 -1.97 16.07
CA ARG A 73 16.20 -1.38 14.89
C ARG A 73 15.65 0.02 14.63
N ARG A 74 14.35 0.21 14.85
CA ARG A 74 13.70 1.52 14.66
C ARG A 74 14.24 2.54 15.65
N ILE A 75 13.99 2.28 16.92
CA ILE A 75 14.42 3.15 18.00
C ILE A 75 15.84 3.67 17.74
N SER A 76 16.81 2.77 17.67
CA SER A 76 18.20 3.17 17.45
C SER A 76 18.42 4.01 16.18
N ALA A 77 17.89 3.53 15.06
CA ALA A 77 18.00 4.26 13.81
C ALA A 77 16.93 5.34 13.81
N TYR A 78 17.02 6.24 14.77
CA TYR A 78 16.08 7.33 14.95
C TYR A 78 16.85 8.39 15.70
N ARG A 79 17.78 7.94 16.53
CA ARG A 79 18.61 8.85 17.29
C ARG A 79 19.77 9.17 16.38
N ARG A 80 19.45 9.52 15.14
CA ARG A 80 20.47 9.83 14.18
C ARG A 80 21.02 8.57 13.55
N GLN A 81 22.33 8.56 13.31
CA GLN A 81 22.96 7.40 12.71
C GLN A 81 24.12 6.91 13.56
N PRO A 82 24.30 5.60 13.63
CA PRO A 82 25.39 5.06 14.42
C PRO A 82 25.03 3.80 15.17
N ALA A 83 26.05 3.04 15.58
CA ALA A 83 25.82 1.81 16.31
C ALA A 83 26.67 1.73 17.55
N ALA A 84 26.16 1.08 18.59
CA ALA A 84 26.92 0.96 19.83
C ALA A 84 26.39 1.87 20.92
N ALA A 85 25.42 1.36 21.67
CA ALA A 85 24.82 2.13 22.74
C ALA A 85 23.59 1.40 23.29
N ALA A 86 23.68 0.97 24.54
CA ALA A 86 22.57 0.26 25.15
C ALA A 86 21.54 1.14 25.82
N GLU A 87 20.33 0.63 25.93
CA GLU A 87 19.27 1.38 26.57
C GLU A 87 19.62 1.47 28.05
N ALA A 88 18.94 2.34 28.79
CA ALA A 88 19.25 2.43 30.20
C ALA A 88 18.54 3.46 31.06
N ASP A 89 18.41 3.12 32.34
CA ASP A 89 17.79 4.03 33.29
C ASP A 89 18.80 5.11 33.58
N GLU A 90 18.54 6.30 33.04
CA GLU A 90 19.44 7.43 33.23
C GLU A 90 19.91 7.69 34.65
N GLU A 91 21.03 8.40 34.75
CA GLU A 91 21.62 8.75 36.02
C GLU A 91 21.22 7.96 37.24
N PHE A 167 29.13 4.45 29.42
CA PHE A 167 27.98 5.08 30.14
C PHE A 167 27.48 6.32 29.42
N GLU A 168 28.00 6.54 28.21
CA GLU A 168 27.59 7.70 27.43
C GLU A 168 27.27 7.29 26.02
N GLU A 169 26.31 7.97 25.40
CA GLU A 169 25.92 7.61 24.05
C GLU A 169 24.94 6.46 24.12
N MET A 170 24.25 6.37 25.24
CA MET A 170 23.28 5.31 25.42
C MET A 170 21.88 5.84 25.36
N LEU A 171 21.05 5.21 24.52
CA LEU A 171 19.67 5.63 24.41
C LEU A 171 18.99 5.53 25.76
N THR A 172 18.76 6.67 26.40
CA THR A 172 18.12 6.69 27.69
C THR A 172 16.65 6.26 27.59
N LEU A 173 16.16 5.67 28.66
CA LEU A 173 14.80 5.17 28.74
C LEU A 173 13.74 6.27 28.56
N GLU A 174 14.14 7.52 28.83
CA GLU A 174 13.25 8.65 28.68
C GLU A 174 13.09 8.93 27.19
N GLU A 175 14.20 8.79 26.44
CA GLU A 175 14.18 8.99 25.00
C GLU A 175 13.27 7.97 24.34
N ILE A 176 13.38 6.72 24.78
CA ILE A 176 12.54 5.66 24.21
C ILE A 176 11.08 5.99 24.49
N TYR A 177 10.81 6.60 25.64
CA TYR A 177 9.42 6.95 25.94
C TYR A 177 9.00 7.97 24.92
N ARG A 178 9.82 9.01 24.78
CA ARG A 178 9.56 10.07 23.82
C ARG A 178 9.48 9.47 22.43
N TRP A 179 10.26 8.43 22.19
CA TRP A 179 10.26 7.79 20.88
C TRP A 179 8.88 7.26 20.49
N GLU A 180 8.27 6.48 21.38
CA GLU A 180 6.98 5.91 21.06
C GLU A 180 5.88 6.95 21.04
N GLN A 181 6.14 8.11 21.64
CA GLN A 181 5.16 9.19 21.65
C GLN A 181 5.13 9.84 20.29
N ARG A 182 6.25 9.73 19.58
CA ARG A 182 6.38 10.34 18.27
C ARG A 182 6.15 9.36 17.11
N GLU A 183 6.55 8.10 17.25
CA GLU A 183 6.40 7.11 16.18
C GLU A 183 5.30 6.07 16.42
N LYS A 184 4.57 6.27 17.52
CA LYS A 184 3.47 5.41 17.94
C LYS A 184 2.52 5.01 16.80
N ASN A 185 2.27 5.91 15.85
CA ASN A 185 1.36 5.58 14.75
C ASN A 185 2.01 5.43 13.39
N VAL A 186 3.32 5.26 13.36
CA VAL A 186 4.05 5.07 12.11
C VAL A 186 3.94 3.61 11.69
N VAL A 187 3.37 3.35 10.52
CA VAL A 187 3.24 1.98 10.05
C VAL A 187 4.62 1.33 9.96
N VAL A 188 4.69 0.06 10.36
CA VAL A 188 5.94 -0.71 10.37
C VAL A 188 6.38 -1.29 9.03
N ASN A 189 7.70 -1.36 8.84
CA ASN A 189 8.25 -1.92 7.61
C ASN A 189 8.82 -3.28 7.91
N PHE A 190 7.99 -4.31 7.72
CA PHE A 190 8.38 -5.68 7.99
C PHE A 190 9.31 -6.24 6.93
N GLU A 191 10.21 -5.44 6.41
CA GLU A 191 11.10 -5.94 5.39
C GLU A 191 12.34 -6.65 5.92
N THR A 192 12.92 -6.10 6.97
CA THR A 192 14.12 -6.64 7.61
C THR A 192 13.75 -7.77 8.53
N CYS A 193 12.45 -7.86 8.77
CA CYS A 193 11.88 -8.85 9.66
C CYS A 193 11.74 -10.22 9.00
N ARG A 194 11.78 -11.27 9.81
CA ARG A 194 11.63 -12.61 9.27
C ARG A 194 10.28 -13.23 9.56
N ILE A 195 9.51 -13.51 8.51
CA ILE A 195 8.21 -14.14 8.66
C ILE A 195 8.32 -15.61 8.29
N ASP A 196 7.74 -16.48 9.12
CA ASP A 196 7.80 -17.94 8.93
C ASP A 196 6.56 -18.55 8.27
N GLN A 197 6.77 -19.32 7.20
CA GLN A 197 5.67 -19.98 6.52
C GLN A 197 5.30 -21.24 7.31
N SER A 198 4.00 -21.46 7.45
CA SER A 198 3.48 -22.62 8.17
C SER A 198 3.52 -23.82 7.24
N PRO A 199 3.90 -25.00 7.76
CA PRO A 199 3.96 -26.18 6.89
C PRO A 199 2.65 -26.92 6.80
N PHE A 200 1.58 -26.36 7.37
CA PHE A 200 0.29 -27.05 7.32
C PHE A 200 -0.89 -26.13 7.12
N GLN A 201 -2.08 -26.72 7.10
CA GLN A 201 -3.31 -26.00 6.92
C GLN A 201 -4.25 -26.64 7.91
N LEU A 202 -4.81 -25.90 8.83
CA LEU A 202 -5.71 -26.43 9.86
C LEU A 202 -7.04 -25.67 9.69
N VAL A 203 -8.07 -26.38 9.24
CA VAL A 203 -9.37 -25.75 9.03
C VAL A 203 -10.38 -26.07 10.15
N GLU A 204 -11.48 -25.32 10.18
CA GLU A 204 -12.51 -25.50 11.21
C GLU A 204 -13.13 -26.90 11.23
N GLY A 205 -13.56 -27.37 10.06
CA GLY A 205 -14.17 -28.68 10.00
C GLY A 205 -13.36 -29.79 10.66
N THR A 206 -12.05 -29.58 10.80
CA THR A 206 -11.16 -30.59 11.37
C THR A 206 -11.53 -31.12 12.76
N SER A 207 -11.52 -32.45 12.86
CA SER A 207 -11.85 -33.17 14.09
C SER A 207 -10.78 -33.04 15.15
N LEU A 208 -11.20 -33.02 16.42
CA LEU A 208 -10.24 -32.87 17.50
C LEU A 208 -9.19 -33.96 17.55
N GLN A 209 -9.44 -35.09 16.90
CA GLN A 209 -8.44 -36.14 16.91
C GLN A 209 -7.36 -35.86 15.87
N LYS A 210 -7.78 -35.38 14.71
CA LYS A 210 -6.84 -35.08 13.66
C LYS A 210 -5.98 -33.88 14.03
N THR A 211 -6.59 -32.90 14.70
CA THR A 211 -5.86 -31.72 15.12
C THR A 211 -4.81 -32.08 16.18
N HIS A 212 -5.13 -33.06 17.02
CA HIS A 212 -4.20 -33.52 18.06
C HIS A 212 -3.04 -34.24 17.40
N THR A 213 -3.36 -35.06 16.40
CA THR A 213 -2.34 -35.79 15.68
C THR A 213 -1.48 -34.79 14.91
N LEU A 214 -2.10 -33.72 14.42
CA LEU A 214 -1.34 -32.72 13.68
C LEU A 214 -0.31 -32.13 14.65
N PHE A 215 -0.77 -31.65 15.80
CA PHE A 215 0.14 -31.10 16.79
C PHE A 215 1.21 -32.08 17.20
N SER A 216 0.83 -33.33 17.37
CA SER A 216 1.75 -34.35 17.79
C SER A 216 2.92 -34.59 16.84
N LEU A 217 2.62 -34.72 15.56
CA LEU A 217 3.63 -34.96 14.54
C LEU A 217 4.54 -33.78 14.26
N LEU A 218 4.01 -32.56 14.35
CA LEU A 218 4.84 -31.40 14.11
C LEU A 218 5.38 -30.80 15.40
N GLY A 219 4.87 -31.26 16.54
CA GLY A 219 5.33 -30.75 17.82
C GLY A 219 4.93 -29.29 18.00
N LEU A 220 3.63 -29.04 17.85
CA LEU A 220 3.12 -27.69 17.97
C LEU A 220 2.56 -27.36 19.34
N ASP A 221 2.40 -26.07 19.58
CA ASP A 221 1.84 -25.55 20.81
C ASP A 221 0.62 -24.73 20.43
N ARG A 222 0.74 -23.96 19.36
CA ARG A 222 -0.37 -23.14 18.89
C ARG A 222 -0.48 -23.28 17.38
N ALA A 223 -1.70 -23.39 16.89
CA ALA A 223 -1.94 -23.48 15.45
C ALA A 223 -2.96 -22.43 15.06
N TYR A 224 -2.86 -21.93 13.84
CA TYR A 224 -3.78 -20.94 13.34
C TYR A 224 -4.80 -21.60 12.44
N VAL A 225 -6.08 -21.48 12.78
CA VAL A 225 -7.12 -22.08 11.97
C VAL A 225 -7.45 -21.05 10.88
N THR A 226 -7.47 -21.51 9.63
CA THR A 226 -7.77 -20.63 8.51
C THR A 226 -8.99 -21.04 7.71
N SER A 227 -9.50 -20.08 6.95
CA SER A 227 -10.67 -20.26 6.10
C SER A 227 -10.36 -19.70 4.73
N MET A 228 -9.74 -20.53 3.90
CA MET A 228 -9.38 -20.13 2.54
C MET A 228 -8.33 -19.04 2.54
N GLY A 229 -7.38 -19.15 3.47
CA GLY A 229 -6.31 -18.20 3.57
C GLY A 229 -6.51 -17.17 4.66
N LYS A 230 -7.75 -17.00 5.08
CA LYS A 230 -8.08 -16.01 6.10
C LYS A 230 -7.95 -16.55 7.53
N LEU A 231 -7.33 -15.76 8.40
CA LEU A 231 -7.14 -16.12 9.81
C LEU A 231 -8.51 -16.12 10.50
N VAL A 232 -8.83 -17.24 11.14
CA VAL A 232 -10.11 -17.41 11.80
C VAL A 232 -10.00 -17.54 13.32
N GLY A 233 -8.88 -18.07 13.80
CA GLY A 233 -8.70 -18.24 15.23
C GLY A 233 -7.47 -19.05 15.57
N VAL A 234 -7.17 -19.15 16.87
CA VAL A 234 -6.02 -19.89 17.36
C VAL A 234 -6.45 -21.08 18.19
N VAL A 235 -5.65 -22.14 18.16
CA VAL A 235 -5.93 -23.32 18.98
C VAL A 235 -4.63 -23.62 19.69
N ALA A 236 -4.69 -23.92 20.98
CA ALA A 236 -3.48 -24.23 21.72
C ALA A 236 -3.54 -25.68 22.13
N LEU A 237 -2.38 -26.31 22.22
CA LEU A 237 -2.32 -27.73 22.60
C LEU A 237 -3.04 -27.98 23.90
N ALA A 238 -2.82 -27.08 24.86
CA ALA A 238 -3.47 -27.19 26.16
C ALA A 238 -4.97 -27.39 25.94
N GLU A 239 -5.59 -26.39 25.31
CA GLU A 239 -7.02 -26.42 25.01
C GLU A 239 -7.42 -27.74 24.35
N ILE A 240 -6.61 -28.23 23.41
CA ILE A 240 -6.90 -29.48 22.72
C ILE A 240 -6.91 -30.71 23.64
N GLN A 241 -5.87 -30.85 24.46
CA GLN A 241 -5.77 -31.98 25.37
C GLN A 241 -6.95 -31.97 26.34
N ALA A 242 -7.21 -30.82 26.95
CA ALA A 242 -8.30 -30.65 27.88
C ALA A 242 -9.62 -31.03 27.22
N ALA A 243 -9.84 -30.54 26.01
CA ALA A 243 -11.06 -30.85 25.28
C ALA A 243 -11.20 -32.35 25.10
N ILE A 244 -10.07 -32.99 24.80
CA ILE A 244 -10.02 -34.43 24.56
C ILE A 244 -10.21 -35.29 25.81
N GLU A 245 -10.17 -34.65 26.98
CA GLU A 245 -10.34 -35.34 28.25
C GLU A 245 -11.66 -34.96 28.92
N GLY A 246 -12.13 -33.74 28.66
CA GLY A 246 -13.39 -33.29 29.25
C GLY A 246 -14.61 -33.54 28.37
N LEU B 3 22.83 -15.39 26.80
CA LEU B 3 23.16 -13.93 26.94
C LEU B 3 23.28 -13.24 25.60
N SER B 4 22.50 -12.19 25.40
CA SER B 4 22.56 -11.45 24.15
C SER B 4 22.26 -9.97 24.26
N TRP B 5 22.59 -9.23 23.20
CA TRP B 5 22.36 -7.80 23.18
C TRP B 5 21.31 -7.46 22.12
N SER B 6 21.05 -6.18 21.88
CA SER B 6 20.05 -5.83 20.88
C SER B 6 20.17 -4.48 20.20
N SER B 7 20.24 -4.50 18.86
CA SER B 7 20.35 -3.28 18.08
C SER B 7 20.10 -3.49 16.60
N ALA B 8 20.71 -2.66 15.75
CA ALA B 8 20.52 -2.81 14.31
C ALA B 8 20.58 -1.53 13.49
N ASN B 9 20.28 -1.65 12.18
CA ASN B 9 20.31 -0.50 11.29
C ASN B 9 19.66 -0.81 9.92
N LYS B 10 19.52 0.20 9.06
CA LYS B 10 18.93 -0.02 7.75
C LYS B 10 18.82 1.17 6.80
N TYR B 11 18.28 0.93 5.60
CA TYR B 11 18.14 1.96 4.56
C TYR B 11 16.96 2.93 4.74
N ASN B 12 15.73 2.41 4.60
CA ASN B 12 14.44 3.11 4.81
C ASN B 12 13.97 4.27 3.88
N ILE B 13 13.97 4.08 2.58
CA ILE B 13 13.47 5.09 1.61
C ILE B 13 12.01 4.79 1.25
N GLN B 14 11.25 5.79 0.77
CA GLN B 14 9.84 5.57 0.42
C GLN B 14 9.25 6.46 -0.67
N VAL B 15 8.26 5.96 -1.40
CA VAL B 15 7.59 6.76 -2.44
C VAL B 15 7.11 8.00 -1.71
N GLY B 16 7.79 9.12 -1.90
CA GLY B 16 7.40 10.33 -1.21
C GLY B 16 8.69 11.08 -1.05
N ASP B 17 9.76 10.32 -0.92
CA ASP B 17 11.10 10.88 -0.82
C ASP B 17 11.67 10.69 -2.23
N ILE B 18 10.76 10.45 -3.17
CA ILE B 18 11.11 10.26 -4.58
C ILE B 18 9.99 10.85 -5.42
N MET B 19 8.77 10.64 -4.98
CA MET B 19 7.58 11.11 -5.68
C MET B 19 7.50 12.61 -5.85
N VAL B 20 7.08 13.03 -7.05
CA VAL B 20 6.92 14.43 -7.40
C VAL B 20 5.52 14.85 -6.92
N ARG B 21 5.47 15.86 -6.05
CA ARG B 21 4.18 16.30 -5.51
C ARG B 21 3.40 17.27 -6.39
N ASP B 22 4.05 17.80 -7.42
CA ASP B 22 3.39 18.73 -8.34
C ASP B 22 3.03 17.97 -9.61
N VAL B 23 1.88 17.33 -9.61
CA VAL B 23 1.42 16.52 -10.74
C VAL B 23 0.63 17.25 -11.81
N THR B 24 0.97 17.01 -13.08
CA THR B 24 0.23 17.61 -14.18
C THR B 24 -0.94 16.67 -14.40
N SER B 25 -2.13 17.06 -13.95
CA SER B 25 -3.30 16.21 -14.10
C SER B 25 -4.41 16.86 -14.91
N ILE B 26 -5.36 16.02 -15.29
CA ILE B 26 -6.52 16.47 -16.04
C ILE B 26 -7.72 16.11 -15.19
N ALA B 27 -8.56 17.10 -14.91
CA ALA B 27 -9.76 16.89 -14.10
C ALA B 27 -11.00 17.01 -14.98
N SER B 28 -12.09 16.37 -14.55
CA SER B 28 -13.35 16.39 -15.29
C SER B 28 -13.92 17.80 -15.43
N THR B 29 -13.33 18.74 -14.69
CA THR B 29 -13.76 20.12 -14.70
C THR B 29 -12.83 21.03 -15.49
N SER B 30 -11.82 20.44 -16.12
CA SER B 30 -10.89 21.26 -16.90
C SER B 30 -11.47 21.60 -18.26
N THR B 31 -10.92 22.64 -18.88
CA THR B 31 -11.36 23.13 -20.17
C THR B 31 -10.48 22.70 -21.32
N TYR B 32 -10.86 23.07 -22.55
CA TYR B 32 -10.08 22.69 -23.74
C TYR B 32 -8.80 23.46 -23.72
N GLY B 33 -8.71 24.49 -22.91
CA GLY B 33 -7.49 25.25 -22.82
C GLY B 33 -6.54 24.41 -21.98
N ASP B 34 -7.09 23.77 -20.95
CA ASP B 34 -6.31 22.92 -20.07
C ASP B 34 -5.71 21.77 -20.88
N LEU B 35 -6.52 21.15 -21.74
CA LEU B 35 -6.03 20.09 -22.57
C LEU B 35 -4.88 20.60 -23.43
N LEU B 36 -5.14 21.60 -24.26
CA LEU B 36 -4.06 22.10 -25.11
C LEU B 36 -2.78 22.41 -24.34
N HIS B 37 -2.92 22.90 -23.11
CA HIS B 37 -1.78 23.23 -22.30
C HIS B 37 -1.00 21.96 -21.97
N VAL B 38 -1.70 20.95 -21.47
CA VAL B 38 -1.06 19.69 -21.12
C VAL B 38 -0.36 19.11 -22.32
N LEU B 39 -0.96 19.18 -23.51
CA LEU B 39 -0.29 18.65 -24.69
C LEU B 39 0.95 19.47 -25.08
N ARG B 40 0.79 20.79 -25.16
CA ARG B 40 1.88 21.67 -25.56
C ARG B 40 2.99 21.86 -24.54
N GLN B 41 2.63 21.81 -23.26
CA GLN B 41 3.62 22.02 -22.21
C GLN B 41 4.17 20.78 -21.51
N THR B 42 3.94 19.58 -22.06
CA THR B 42 4.49 18.36 -21.48
C THR B 42 4.81 17.34 -22.56
N LYS B 43 5.42 16.23 -22.14
CA LYS B 43 5.80 15.18 -23.05
C LYS B 43 5.18 13.87 -22.57
N LEU B 44 4.41 13.96 -21.49
CA LEU B 44 3.77 12.80 -20.89
C LEU B 44 2.89 12.02 -21.87
N LYS B 45 2.96 10.70 -21.79
CA LYS B 45 2.15 9.89 -22.68
C LYS B 45 0.77 9.64 -22.08
N PHE B 46 0.60 10.00 -20.82
CA PHE B 46 -0.68 9.86 -20.13
C PHE B 46 -0.71 10.72 -18.86
N PHE B 47 -1.92 11.09 -18.43
CA PHE B 47 -2.11 11.94 -17.26
C PHE B 47 -3.10 11.31 -16.29
N PRO B 48 -3.08 11.73 -15.02
CA PRO B 48 -4.02 11.16 -14.05
C PRO B 48 -5.35 11.86 -14.28
N PHE B 49 -6.45 11.14 -14.36
CA PHE B 49 -7.72 11.82 -14.54
C PHE B 49 -8.42 12.01 -13.20
N VAL B 50 -8.35 13.24 -12.68
CA VAL B 50 -8.92 13.61 -11.40
C VAL B 50 -10.40 14.01 -11.34
N ASP B 51 -10.88 14.00 -10.11
CA ASP B 51 -12.22 14.37 -9.66
C ASP B 51 -12.39 15.85 -10.00
N THR B 52 -11.64 16.66 -9.25
CA THR B 52 -11.62 18.11 -9.35
C THR B 52 -10.23 18.51 -8.85
N PRO B 53 -9.68 19.63 -9.35
CA PRO B 53 -8.35 20.03 -8.89
C PRO B 53 -8.27 20.27 -7.39
N ASP B 54 -9.44 20.39 -6.75
CA ASP B 54 -9.53 20.62 -5.31
C ASP B 54 -9.59 19.31 -4.54
N THR B 55 -10.60 18.50 -4.83
CA THR B 55 -10.77 17.21 -4.16
C THR B 55 -9.62 16.26 -4.50
N ASN B 56 -9.35 16.10 -5.80
CA ASN B 56 -8.27 15.24 -6.27
C ASN B 56 -8.53 13.73 -6.26
N THR B 57 -9.79 13.33 -6.40
CA THR B 57 -10.11 11.90 -6.42
C THR B 57 -9.62 11.27 -7.72
N LEU B 58 -8.59 10.42 -7.61
CA LEU B 58 -8.07 9.75 -8.79
C LEU B 58 -9.14 8.84 -9.36
N LEU B 59 -9.66 9.20 -10.52
CA LEU B 59 -10.71 8.43 -11.17
C LEU B 59 -10.14 7.52 -12.25
N GLY B 60 -8.85 7.70 -12.56
CA GLY B 60 -8.21 6.89 -13.57
C GLY B 60 -7.11 7.70 -14.22
N SER B 61 -6.84 7.41 -15.49
CA SER B 61 -5.81 8.14 -16.23
C SER B 61 -6.20 8.20 -17.70
N ILE B 62 -5.80 9.26 -18.39
CA ILE B 62 -6.12 9.44 -19.80
C ILE B 62 -4.86 9.46 -20.67
N ASP B 63 -4.93 8.75 -21.80
CA ASP B 63 -3.82 8.70 -22.74
C ASP B 63 -3.67 9.99 -23.54
N ARG B 64 -2.45 10.26 -23.99
CA ARG B 64 -2.20 11.45 -24.74
C ARG B 64 -3.00 11.37 -26.02
N THR B 65 -2.94 10.22 -26.68
CA THR B 65 -3.69 10.05 -27.92
C THR B 65 -5.18 10.21 -27.71
N GLU B 66 -5.61 9.98 -26.47
CA GLU B 66 -7.02 10.09 -26.12
C GLU B 66 -7.41 11.57 -25.96
N VAL B 67 -6.49 12.35 -25.38
CA VAL B 67 -6.69 13.77 -25.17
C VAL B 67 -6.66 14.45 -26.53
N GLU B 68 -5.71 14.04 -27.37
CA GLU B 68 -5.61 14.62 -28.71
C GLU B 68 -6.91 14.38 -29.47
N GLY B 69 -7.53 13.24 -29.24
CA GLY B 69 -8.78 12.91 -29.91
C GLY B 69 -9.91 13.84 -29.51
N LEU B 70 -10.15 13.97 -28.21
CA LEU B 70 -11.20 14.84 -27.71
C LEU B 70 -11.05 16.20 -28.41
N LEU B 71 -9.85 16.75 -28.35
CA LEU B 71 -9.58 18.04 -28.96
C LEU B 71 -9.87 18.05 -30.44
N GLN B 72 -9.51 16.98 -31.13
CA GLN B 72 -9.76 16.91 -32.56
C GLN B 72 -11.26 16.85 -32.83
N ARG B 73 -11.97 15.97 -32.13
CA ARG B 73 -13.41 15.85 -32.29
C ARG B 73 -14.09 17.21 -32.04
N ARG B 74 -13.62 17.96 -31.05
CA ARG B 74 -14.19 19.28 -30.75
C ARG B 74 -13.98 20.26 -31.89
N ILE B 75 -12.71 20.47 -32.22
CA ILE B 75 -12.34 21.37 -33.28
C ILE B 75 -13.19 21.11 -34.50
N SER B 76 -13.24 19.87 -34.97
CA SER B 76 -14.01 19.58 -36.17
C SER B 76 -15.51 19.77 -35.97
N ALA B 77 -16.04 19.35 -34.83
CA ALA B 77 -17.48 19.49 -34.54
C ALA B 77 -17.95 20.89 -34.22
N TYR B 78 -17.08 21.87 -34.43
CA TYR B 78 -17.36 23.27 -34.14
C TYR B 78 -17.57 24.03 -35.43
N ARG B 79 -16.68 23.79 -36.40
CA ARG B 79 -16.81 24.46 -37.69
C ARG B 79 -17.84 23.71 -38.50
N ARG B 80 -18.47 22.73 -37.86
CA ARG B 80 -19.48 21.91 -38.52
C ARG B 80 -20.67 22.70 -39.03
N GLN B 81 -20.46 23.44 -40.11
CA GLN B 81 -21.55 24.22 -40.68
C GLN B 81 -22.52 23.33 -41.42
N PRO B 82 -23.44 22.72 -40.69
CA PRO B 82 -24.41 21.83 -41.30
C PRO B 82 -25.67 21.70 -40.46
N LYS B 156 -1.45 30.66 -59.28
CA LYS B 156 -1.10 30.08 -57.95
C LYS B 156 -1.42 31.03 -56.81
N GLN B 157 -2.26 30.59 -55.88
CA GLN B 157 -2.61 31.43 -54.75
C GLN B 157 -1.70 31.19 -53.57
N LYS B 158 -1.82 32.06 -52.57
CA LYS B 158 -1.01 31.92 -51.37
C LYS B 158 -1.40 30.66 -50.62
N GLY B 159 -0.43 29.84 -50.26
CA GLY B 159 -0.73 28.62 -49.54
C GLY B 159 -0.67 28.76 -48.04
N THR B 160 -1.61 28.14 -47.35
CA THR B 160 -1.62 28.22 -45.90
C THR B 160 -1.38 26.85 -45.28
N GLY B 161 -1.00 26.85 -44.01
CA GLY B 161 -0.77 25.60 -43.33
C GLY B 161 -2.10 25.15 -42.75
N GLN B 162 -2.43 23.87 -42.93
CA GLN B 162 -3.70 23.40 -42.41
C GLN B 162 -3.78 21.90 -42.17
N VAL B 163 -4.57 21.53 -41.16
CA VAL B 163 -4.76 20.13 -40.83
C VAL B 163 -5.97 19.61 -41.58
N ALA B 164 -5.88 19.61 -42.91
CA ALA B 164 -6.98 19.14 -43.73
C ALA B 164 -7.35 17.69 -43.54
N SER B 165 -7.58 17.29 -42.29
CA SER B 165 -7.94 15.92 -42.03
C SER B 165 -9.36 15.68 -42.51
N ARG B 166 -9.77 14.41 -42.54
CA ARG B 166 -11.10 14.09 -43.01
C ARG B 166 -11.02 13.96 -44.52
N PHE B 167 -10.83 15.08 -45.21
CA PHE B 167 -10.73 15.04 -46.66
C PHE B 167 -11.64 15.95 -47.46
N GLU B 168 -12.05 17.07 -46.86
CA GLU B 168 -12.94 17.98 -47.56
C GLU B 168 -12.20 19.12 -48.25
N GLU B 169 -11.91 20.17 -47.48
CA GLU B 169 -11.22 21.33 -48.03
C GLU B 169 -10.45 22.07 -46.96
N MET B 170 -9.20 21.67 -46.77
CA MET B 170 -8.28 22.28 -45.80
C MET B 170 -8.88 23.13 -44.67
N LEU B 171 -8.99 22.54 -43.48
CA LEU B 171 -9.42 23.28 -42.32
C LEU B 171 -8.15 23.98 -41.88
N THR B 172 -8.06 25.29 -42.13
CA THR B 172 -6.85 26.06 -41.86
C THR B 172 -6.44 26.13 -40.39
N LEU B 173 -5.15 26.43 -40.24
CA LEU B 173 -4.47 26.62 -38.96
C LEU B 173 -4.87 27.92 -38.27
N GLU B 174 -5.24 28.93 -39.05
CA GLU B 174 -5.65 30.22 -38.50
C GLU B 174 -6.95 29.98 -37.79
N GLU B 175 -7.75 29.09 -38.38
CA GLU B 175 -9.05 28.74 -37.85
C GLU B 175 -8.93 28.07 -36.48
N ILE B 176 -7.97 27.18 -36.35
CA ILE B 176 -7.76 26.49 -35.09
C ILE B 176 -7.22 27.43 -34.03
N TYR B 177 -6.52 28.47 -34.47
CA TYR B 177 -5.99 29.42 -33.52
C TYR B 177 -7.17 30.17 -32.95
N ARG B 178 -8.04 30.63 -33.85
CA ARG B 178 -9.23 31.35 -33.44
C ARG B 178 -10.13 30.38 -32.68
N TRP B 179 -10.08 29.09 -33.03
CA TRP B 179 -10.89 28.12 -32.31
C TRP B 179 -10.61 28.14 -30.81
N GLU B 180 -9.34 27.98 -30.45
CA GLU B 180 -8.99 27.95 -29.04
C GLU B 180 -9.21 29.30 -28.39
N GLN B 181 -9.18 30.38 -29.17
CA GLN B 181 -9.41 31.70 -28.61
C GLN B 181 -10.86 31.75 -28.13
N ARG B 182 -11.73 31.05 -28.84
CA ARG B 182 -13.15 31.03 -28.53
C ARG B 182 -13.59 29.99 -27.50
N GLU B 183 -12.99 28.80 -27.53
CA GLU B 183 -13.36 27.74 -26.60
C GLU B 183 -12.30 27.40 -25.57
N LYS B 184 -11.30 28.26 -25.44
CA LYS B 184 -10.23 28.04 -24.49
C LYS B 184 -10.73 27.87 -23.04
N ASN B 185 -11.90 28.39 -22.70
CA ASN B 185 -12.40 28.23 -21.33
C ASN B 185 -13.65 27.37 -21.20
N VAL B 186 -14.02 26.68 -22.26
CA VAL B 186 -15.19 25.82 -22.25
C VAL B 186 -14.82 24.50 -21.59
N VAL B 187 -15.52 24.13 -20.51
CA VAL B 187 -15.23 22.87 -19.82
C VAL B 187 -15.40 21.68 -20.77
N VAL B 188 -14.43 20.76 -20.74
CA VAL B 188 -14.41 19.58 -21.59
C VAL B 188 -15.41 18.48 -21.24
N ASN B 189 -15.92 17.82 -22.28
CA ASN B 189 -16.87 16.73 -22.13
C ASN B 189 -16.14 15.39 -22.33
N PHE B 190 -15.65 14.81 -21.24
CA PHE B 190 -14.89 13.55 -21.29
C PHE B 190 -15.74 12.29 -21.49
N GLU B 191 -16.83 12.40 -22.23
CA GLU B 191 -17.68 11.25 -22.43
C GLU B 191 -17.25 10.30 -23.53
N THR B 192 -16.80 10.85 -24.65
CA THR B 192 -16.36 10.02 -25.78
C THR B 192 -14.89 9.67 -25.59
N CYS B 193 -14.34 10.10 -24.47
CA CYS B 193 -12.95 9.88 -24.12
C CYS B 193 -12.82 8.59 -23.30
N ARG B 194 -11.70 7.90 -23.45
CA ARG B 194 -11.44 6.65 -22.72
C ARG B 194 -10.49 6.83 -21.53
N ILE B 195 -11.04 6.63 -20.33
CA ILE B 195 -10.29 6.74 -19.09
C ILE B 195 -9.85 5.33 -18.68
N ASP B 196 -8.58 5.16 -18.34
CA ASP B 196 -8.10 3.84 -17.96
C ASP B 196 -7.98 3.63 -16.47
N GLN B 197 -8.44 2.47 -16.02
CA GLN B 197 -8.37 2.12 -14.62
C GLN B 197 -7.03 1.50 -14.29
N SER B 198 -6.45 1.91 -13.17
CA SER B 198 -5.17 1.38 -12.72
C SER B 198 -5.45 0.06 -12.00
N PRO B 199 -4.58 -0.95 -12.17
CA PRO B 199 -4.77 -2.25 -11.52
C PRO B 199 -4.07 -2.35 -10.18
N PHE B 200 -3.63 -1.22 -9.63
CA PHE B 200 -2.93 -1.22 -8.37
C PHE B 200 -3.17 0.00 -7.54
N GLN B 201 -2.57 0.01 -6.37
CA GLN B 201 -2.67 1.13 -5.45
C GLN B 201 -1.28 1.29 -4.92
N LEU B 202 -0.76 2.47 -5.00
CA LEU B 202 0.59 2.80 -4.56
C LEU B 202 0.43 3.89 -3.53
N VAL B 203 0.82 3.62 -2.28
CA VAL B 203 0.67 4.60 -1.22
C VAL B 203 2.03 5.12 -0.72
N GLU B 204 2.01 6.31 -0.12
CA GLU B 204 3.22 6.95 0.38
C GLU B 204 4.11 6.06 1.23
N GLY B 205 3.54 5.48 2.27
CA GLY B 205 4.33 4.62 3.13
C GLY B 205 5.17 3.59 2.40
N THR B 206 4.73 3.13 1.23
CA THR B 206 5.45 2.10 0.49
C THR B 206 6.96 2.28 0.32
N SER B 207 7.66 1.18 0.55
CA SER B 207 9.11 1.10 0.47
C SER B 207 9.60 1.14 -0.97
N LEU B 208 10.78 1.71 -1.17
CA LEU B 208 11.34 1.81 -2.50
C LEU B 208 11.52 0.45 -3.17
N GLN B 209 11.69 -0.59 -2.37
CA GLN B 209 11.88 -1.93 -2.93
C GLN B 209 10.57 -2.52 -3.42
N LYS B 210 9.49 -2.30 -2.69
CA LYS B 210 8.18 -2.82 -3.08
C LYS B 210 7.63 -2.01 -4.23
N THR B 211 8.06 -0.76 -4.33
CA THR B 211 7.62 0.13 -5.39
C THR B 211 8.32 -0.29 -6.68
N HIS B 212 9.58 -0.70 -6.54
CA HIS B 212 10.39 -1.16 -7.67
C HIS B 212 9.85 -2.48 -8.19
N THR B 213 9.57 -3.40 -7.27
CA THR B 213 9.03 -4.68 -7.67
C THR B 213 7.69 -4.48 -8.37
N LEU B 214 6.90 -3.52 -7.89
CA LEU B 214 5.60 -3.24 -8.50
C LEU B 214 5.80 -2.84 -9.96
N PHE B 215 6.70 -1.90 -10.18
CA PHE B 215 7.01 -1.42 -11.52
C PHE B 215 7.51 -2.55 -12.41
N SER B 216 8.41 -3.38 -11.87
CA SER B 216 8.98 -4.48 -12.63
C SER B 216 7.97 -5.54 -13.09
N LEU B 217 7.08 -5.94 -12.20
CA LEU B 217 6.08 -6.95 -12.51
C LEU B 217 5.00 -6.51 -13.48
N LEU B 218 4.70 -5.21 -13.47
CA LEU B 218 3.66 -4.66 -14.34
C LEU B 218 4.25 -3.95 -15.56
N GLY B 219 5.55 -3.67 -15.49
CA GLY B 219 6.22 -2.97 -16.57
C GLY B 219 5.69 -1.55 -16.64
N LEU B 220 5.94 -0.77 -15.59
CA LEU B 220 5.46 0.61 -15.52
C LEU B 220 6.58 1.62 -15.68
N ASP B 221 6.19 2.82 -16.09
CA ASP B 221 7.15 3.91 -16.24
C ASP B 221 6.77 4.94 -15.20
N ARG B 222 5.48 5.22 -15.07
CA ARG B 222 4.99 6.18 -14.09
C ARG B 222 3.85 5.59 -13.28
N ALA B 223 3.81 5.90 -12.00
CA ALA B 223 2.75 5.42 -11.13
C ALA B 223 2.29 6.58 -10.29
N TYR B 224 0.99 6.58 -10.01
CA TYR B 224 0.40 7.64 -9.21
C TYR B 224 0.28 7.21 -7.77
N VAL B 225 0.86 7.99 -6.87
CA VAL B 225 0.78 7.69 -5.44
C VAL B 225 -0.50 8.33 -4.93
N THR B 226 -1.34 7.57 -4.26
CA THR B 226 -2.59 8.10 -3.74
C THR B 226 -2.68 8.07 -2.21
N SER B 227 -3.70 8.73 -1.69
CA SER B 227 -3.96 8.82 -0.25
C SER B 227 -5.45 8.75 0.00
N MET B 228 -5.99 7.53 -0.04
CA MET B 228 -7.40 7.28 0.18
C MET B 228 -8.24 7.80 -0.97
N GLY B 229 -7.75 7.57 -2.18
CA GLY B 229 -8.45 8.00 -3.39
C GLY B 229 -7.95 9.28 -4.03
N LYS B 230 -7.19 10.08 -3.28
CA LYS B 230 -6.71 11.34 -3.80
C LYS B 230 -5.27 11.38 -4.28
N LEU B 231 -5.08 11.96 -5.46
CA LEU B 231 -3.75 12.08 -6.05
C LEU B 231 -2.81 12.84 -5.13
N VAL B 232 -1.63 12.28 -4.89
CA VAL B 232 -0.65 12.91 -4.02
C VAL B 232 0.69 13.17 -4.71
N GLY B 233 0.96 12.44 -5.78
CA GLY B 233 2.21 12.64 -6.49
C GLY B 233 2.47 11.60 -7.56
N VAL B 234 3.56 11.75 -8.29
CA VAL B 234 3.92 10.81 -9.34
C VAL B 234 5.32 10.29 -9.13
N VAL B 235 5.52 9.02 -9.41
CA VAL B 235 6.83 8.39 -9.27
C VAL B 235 7.18 7.80 -10.63
N ALA B 236 8.41 8.03 -11.07
CA ALA B 236 8.83 7.48 -12.34
C ALA B 236 9.93 6.45 -12.11
N LEU B 237 9.85 5.34 -12.83
CA LEU B 237 10.82 4.26 -12.71
C LEU B 237 12.25 4.79 -12.71
N ALA B 238 12.49 5.82 -13.52
CA ALA B 238 13.81 6.42 -13.60
C ALA B 238 14.19 6.85 -12.19
N GLU B 239 13.39 7.74 -11.61
CA GLU B 239 13.61 8.26 -10.26
C GLU B 239 13.81 7.15 -9.23
N ILE B 240 13.07 6.06 -9.39
CA ILE B 240 13.15 4.91 -8.47
C ILE B 240 14.49 4.21 -8.55
N GLN B 241 14.91 3.85 -9.77
CA GLN B 241 16.18 3.18 -9.97
C GLN B 241 17.30 4.02 -9.38
N ALA B 242 17.40 5.27 -9.82
CA ALA B 242 18.43 6.19 -9.34
C ALA B 242 18.48 6.28 -7.82
N ALA B 243 17.30 6.36 -7.19
CA ALA B 243 17.21 6.44 -5.73
C ALA B 243 17.76 5.16 -5.10
N ILE B 244 17.53 4.04 -5.80
CA ILE B 244 17.95 2.73 -5.34
C ILE B 244 19.46 2.52 -5.53
N GLU B 245 20.08 3.37 -6.32
CA GLU B 245 21.51 3.28 -6.57
C GLU B 245 22.28 4.39 -5.84
N GLY B 246 21.54 5.32 -5.25
CA GLY B 246 22.15 6.42 -4.51
C GLY B 246 22.10 6.15 -3.02
#